data_8FQR
#
_entry.id   8FQR
#
_cell.length_a   49.388
_cell.length_b   69.805
_cell.length_c   55.124
_cell.angle_alpha   90.00
_cell.angle_beta   114.96
_cell.angle_gamma   90.00
#
_symmetry.space_group_name_H-M   'P 1 21 1'
#
loop_
_entity.id
_entity.type
_entity.pdbx_description
1 polymer Beta-lactamase
2 non-polymer GLYCINE
3 non-polymer 'PHOSPHATE ION'
4 water water
#
_entity_poly.entity_id   1
_entity_poly.type   'polypeptide(L)'
_entity_poly.pdbx_seq_one_letter_code
;MGNTPKDQEIKKLVDQNFKPLLEKYDVPGMAVGVIQNNKKYEMYYGLQSVQDKKAVNSSTIFELGSVSKLFTATAGGYAK
NKGKISFDDTPGKYWKELKNTPIDQVNLLQLATYTSGNLALQFPDEVKTDQQVLTFFKDWKPKNSIGEYRQYSNPSIGLF
GKVVALSMNKPFDQVLEKTIFPALGLKHSYVNVPKTQMQNYDFGYNQENQPIRVNPGPLDALAAYGVKSTLPDMLSFIHA
NLNPQKYPADIQRAINETHQGRYQVNTMYQALGWEEFSYPATLQTLLDSNSEQIVMKPNKVTAISKEPSVKMYHKTGSTN
GFGTYVVFIPKENIGLVMLTNKRIPNEERIKAAYAVLNAIKK
;
_entity_poly.pdbx_strand_id   B
#
loop_
_chem_comp.id
_chem_comp.type
_chem_comp.name
_chem_comp.formula
PO4 non-polymer 'PHOSPHATE ION' 'O4 P -3'
#
# COMPACT_ATOMS: atom_id res chain seq x y z
N ASP A 7 30.71 -10.36 -1.22
CA ASP A 7 30.26 -11.47 -2.04
C ASP A 7 28.94 -12.05 -1.55
N GLN A 8 27.92 -12.02 -2.41
CA GLN A 8 26.58 -12.49 -2.07
C GLN A 8 26.07 -11.87 -0.77
N GLU A 9 26.43 -10.60 -0.58
CA GLU A 9 26.04 -9.87 0.62
C GLU A 9 24.52 -9.89 0.80
N ILE A 10 23.76 -9.67 -0.29
CA ILE A 10 22.31 -9.57 -0.16
C ILE A 10 21.73 -10.90 0.30
N LYS A 11 22.12 -12.01 -0.35
CA LYS A 11 21.62 -13.32 0.07
C LYS A 11 21.92 -13.58 1.54
N LYS A 12 23.17 -13.36 1.96
CA LYS A 12 23.54 -13.63 3.35
C LYS A 12 22.70 -12.79 4.29
N LEU A 13 22.48 -11.52 3.97
CA LEU A 13 21.71 -10.65 4.86
C LEU A 13 20.26 -11.08 4.94
N VAL A 14 19.68 -11.48 3.81
CA VAL A 14 18.28 -11.91 3.83
C VAL A 14 18.14 -13.22 4.57
N ASP A 15 19.05 -14.17 4.33
CA ASP A 15 19.03 -15.42 5.06
C ASP A 15 19.18 -15.20 6.57
N GLN A 16 20.00 -14.22 6.94
CA GLN A 16 20.26 -13.96 8.36
C GLN A 16 19.06 -13.29 9.02
N ASN A 17 18.38 -12.40 8.32
CA ASN A 17 17.40 -11.54 8.95
C ASN A 17 15.95 -11.88 8.65
N PHE A 18 15.66 -12.38 7.46
CA PHE A 18 14.30 -12.77 7.15
C PHE A 18 14.03 -14.26 7.32
N LYS A 19 14.92 -15.13 6.85
CA LYS A 19 14.64 -16.56 6.91
C LYS A 19 14.23 -17.04 8.30
N PRO A 20 14.84 -16.61 9.41
CA PRO A 20 14.44 -17.14 10.73
C PRO A 20 13.02 -16.80 11.09
N LEU A 21 12.43 -15.77 10.47
CA LEU A 21 11.06 -15.41 10.81
C LEU A 21 10.06 -16.47 10.38
N LEU A 22 10.36 -17.26 9.34
CA LEU A 22 9.44 -18.32 8.94
C LEU A 22 9.29 -19.36 10.04
N GLU A 23 10.39 -19.86 10.57
CA GLU A 23 10.30 -20.81 11.66
C GLU A 23 9.70 -20.16 12.90
N LYS A 24 10.10 -18.92 13.19
CA LYS A 24 9.67 -18.30 14.44
C LYS A 24 8.14 -18.20 14.50
N TYR A 25 7.53 -17.74 13.40
CA TYR A 25 6.10 -17.51 13.36
C TYR A 25 5.34 -18.59 12.60
N ASP A 26 5.99 -19.71 12.27
CA ASP A 26 5.36 -20.79 11.50
C ASP A 26 4.66 -20.24 10.25
N VAL A 27 5.41 -19.48 9.46
CA VAL A 27 4.91 -18.87 8.21
C VAL A 27 5.10 -19.91 7.11
N PRO A 28 4.07 -20.28 6.34
CA PRO A 28 4.30 -21.28 5.30
C PRO A 28 5.24 -20.83 4.20
N GLY A 29 5.09 -19.61 3.72
CA GLY A 29 5.90 -19.14 2.59
C GLY A 29 6.23 -17.66 2.69
N MET A 30 7.39 -17.29 2.16
CA MET A 30 7.85 -15.91 2.17
C MET A 30 8.64 -15.62 0.90
N ALA A 31 8.45 -14.44 0.36
CA ALA A 31 9.20 -13.96 -0.79
C ALA A 31 9.84 -12.65 -0.39
N VAL A 32 11.15 -12.52 -0.57
CA VAL A 32 11.86 -11.29 -0.25
C VAL A 32 12.59 -10.84 -1.50
N GLY A 33 12.42 -9.58 -1.87
CA GLY A 33 13.10 -9.01 -3.02
C GLY A 33 13.91 -7.80 -2.57
N VAL A 34 15.10 -7.64 -3.13
CA VAL A 34 15.93 -6.48 -2.88
C VAL A 34 16.37 -5.97 -4.24
N ILE A 35 16.27 -4.67 -4.44
CA ILE A 35 16.77 -4.06 -5.66
C ILE A 35 17.88 -3.11 -5.27
N GLN A 36 19.01 -3.22 -5.97
CA GLN A 36 20.17 -2.40 -5.69
C GLN A 36 20.77 -2.06 -7.03
N ASN A 37 20.90 -0.77 -7.32
CA ASN A 37 21.53 -0.32 -8.55
C ASN A 37 20.90 -0.97 -9.78
N ASN A 38 19.57 -1.03 -9.75
CA ASN A 38 18.75 -1.53 -10.86
C ASN A 38 18.91 -3.02 -11.08
N LYS A 39 19.42 -3.75 -10.10
CA LYS A 39 19.55 -5.20 -10.19
CA LYS A 39 19.55 -5.20 -10.19
C LYS A 39 18.66 -5.82 -9.12
N LYS A 40 17.82 -6.74 -9.53
CA LYS A 40 16.79 -7.31 -8.67
CA LYS A 40 16.81 -7.30 -8.66
C LYS A 40 17.21 -8.70 -8.17
N TYR A 41 17.17 -8.89 -6.87
CA TYR A 41 17.45 -10.15 -6.21
C TYR A 41 16.16 -10.66 -5.62
N GLU A 42 15.80 -11.90 -5.91
CA GLU A 42 14.60 -12.52 -5.40
C GLU A 42 14.99 -13.75 -4.59
N MET A 43 14.41 -13.88 -3.41
N MET A 43 14.34 -13.93 -3.45
CA MET A 43 14.63 -15.03 -2.55
CA MET A 43 14.64 -15.05 -2.59
C MET A 43 13.27 -15.53 -2.15
C MET A 43 13.35 -15.57 -1.96
N TYR A 44 13.12 -16.86 -2.14
CA TYR A 44 11.87 -17.48 -1.77
C TYR A 44 12.14 -18.58 -0.75
N TYR A 45 11.25 -18.69 0.24
CA TYR A 45 11.34 -19.70 1.29
C TYR A 45 9.97 -20.34 1.45
N GLY A 46 9.91 -21.65 1.45
CA GLY A 46 8.68 -22.32 1.83
C GLY A 46 7.64 -22.47 0.72
N LEU A 47 6.38 -22.49 1.15
CA LEU A 47 5.28 -23.07 0.36
C LEU A 47 4.18 -22.04 0.15
N GLN A 48 3.65 -22.03 -1.08
CA GLN A 48 2.43 -21.30 -1.41
C GLN A 48 1.22 -22.00 -0.81
N SER A 49 1.23 -23.33 -0.81
CA SER A 49 0.16 -24.15 -0.26
C SER A 49 0.80 -25.24 0.57
N VAL A 50 0.46 -25.27 1.86
CA VAL A 50 0.91 -26.36 2.71
C VAL A 50 0.34 -27.69 2.24
N GLN A 51 -0.98 -27.73 1.99
CA GLN A 51 -1.63 -28.98 1.64
C GLN A 51 -1.07 -29.58 0.36
N ASP A 52 -0.89 -28.75 -0.68
N ASP A 52 -0.90 -28.78 -0.69
CA ASP A 52 -0.46 -29.20 -1.99
CA ASP A 52 -0.44 -29.38 -1.94
C ASP A 52 1.06 -29.37 -2.09
C ASP A 52 1.07 -29.29 -2.15
N LYS A 53 1.81 -28.84 -1.14
CA LYS A 53 3.28 -28.82 -1.15
C LYS A 53 3.84 -28.04 -2.34
N LYS A 54 3.09 -27.06 -2.82
CA LYS A 54 3.58 -26.24 -3.91
C LYS A 54 4.45 -25.14 -3.36
N ALA A 55 5.66 -25.00 -3.90
CA ALA A 55 6.59 -24.01 -3.41
C ALA A 55 6.14 -22.59 -3.74
N VAL A 56 6.40 -21.68 -2.82
N VAL A 56 6.41 -21.67 -2.82
CA VAL A 56 6.21 -20.27 -3.10
CA VAL A 56 6.34 -20.25 -3.15
C VAL A 56 7.23 -19.88 -4.17
C VAL A 56 7.28 -20.00 -4.30
N ASN A 57 6.79 -19.16 -5.21
N ASN A 57 6.89 -19.12 -5.21
CA ASN A 57 7.68 -18.89 -6.33
CA ASN A 57 7.72 -18.90 -6.37
C ASN A 57 7.39 -17.52 -6.93
C ASN A 57 7.40 -17.52 -6.93
N SER A 58 8.10 -17.19 -8.02
CA SER A 58 7.95 -15.89 -8.67
C SER A 58 6.59 -15.65 -9.29
N SER A 59 5.75 -16.68 -9.43
CA SER A 59 4.37 -16.51 -9.88
C SER A 59 3.35 -16.46 -8.75
N THR A 60 3.75 -16.73 -7.51
CA THR A 60 2.79 -16.74 -6.40
C THR A 60 2.19 -15.36 -6.21
N ILE A 61 0.88 -15.33 -6.11
CA ILE A 61 0.13 -14.09 -5.94
C ILE A 61 -0.22 -13.93 -4.47
N PHE A 62 0.16 -12.79 -3.88
CA PHE A 62 -0.07 -12.47 -2.48
C PHE A 62 -1.08 -11.32 -2.37
N GLU A 63 -1.88 -11.32 -1.29
CA GLU A 63 -2.72 -10.17 -0.99
C GLU A 63 -1.85 -9.09 -0.36
N LEU A 64 -1.95 -7.87 -0.87
CA LEU A 64 -1.11 -6.77 -0.39
C LEU A 64 -1.71 -6.03 0.80
N GLY A 65 -2.99 -6.22 1.09
CA GLY A 65 -3.59 -5.45 2.18
C GLY A 65 -3.44 -3.98 1.92
N SER A 66 -3.09 -3.21 2.95
N SER A 66 -3.06 -3.24 2.96
CA SER A 66 -3.00 -1.75 2.80
CA SER A 66 -2.93 -1.79 2.91
C SER A 66 -1.91 -1.28 1.85
C SER A 66 -1.92 -1.30 1.89
N VAL A 67 -0.97 -2.14 1.47
CA VAL A 67 -0.04 -1.73 0.43
C VAL A 67 -0.77 -1.44 -0.88
N SER A 68 -2.00 -1.97 -1.03
CA SER A 68 -2.87 -1.58 -2.13
C SER A 68 -3.02 -0.08 -2.24
N LYS A 69 -2.98 0.63 -1.11
CA LYS A 69 -3.14 2.08 -1.12
C LYS A 69 -2.05 2.77 -1.93
N LEU A 70 -0.89 2.16 -2.11
CA LEU A 70 0.15 2.78 -2.95
C LEU A 70 -0.29 2.84 -4.40
N PHE A 71 -1.06 1.85 -4.86
CA PHE A 71 -1.56 1.88 -6.22
C PHE A 71 -2.73 2.86 -6.38
N THR A 72 -3.59 2.95 -5.35
CA THR A 72 -4.64 3.97 -5.38
C THR A 72 -4.04 5.36 -5.40
N ALA A 73 -2.99 5.59 -4.60
CA ALA A 73 -2.26 6.86 -4.61
C ALA A 73 -1.70 7.15 -5.98
N THR A 74 -1.09 6.14 -6.61
CA THR A 74 -0.52 6.34 -7.94
C THR A 74 -1.63 6.69 -8.94
N ALA A 75 -2.77 6.03 -8.84
CA ALA A 75 -3.90 6.35 -9.71
C ALA A 75 -4.38 7.77 -9.49
N GLY A 76 -4.47 8.21 -8.24
CA GLY A 76 -4.83 9.59 -7.99
C GLY A 76 -3.82 10.58 -8.55
N GLY A 77 -2.53 10.27 -8.41
CA GLY A 77 -1.52 11.14 -9.00
C GLY A 77 -1.60 11.19 -10.52
N TYR A 78 -1.94 10.06 -11.14
CA TYR A 78 -2.11 10.00 -12.58
C TYR A 78 -3.25 10.92 -13.02
N ALA A 79 -4.40 10.81 -12.38
CA ALA A 79 -5.56 11.63 -12.73
C ALA A 79 -5.29 13.11 -12.47
N LYS A 80 -4.67 13.42 -11.33
CA LYS A 80 -4.42 14.82 -10.99
C LYS A 80 -3.53 15.50 -12.01
N ASN A 81 -2.48 14.83 -12.49
CA ASN A 81 -1.52 15.49 -13.36
C ASN A 81 -1.98 15.55 -14.80
N LYS A 82 -3.08 14.88 -15.12
CA LYS A 82 -3.77 15.07 -16.38
C LYS A 82 -4.90 16.07 -16.28
N GLY A 83 -5.10 16.67 -15.11
CA GLY A 83 -6.16 17.64 -14.91
C GLY A 83 -7.53 17.04 -14.72
N LYS A 84 -7.63 15.74 -14.52
CA LYS A 84 -8.94 15.12 -14.39
C LYS A 84 -9.55 15.40 -13.03
N ILE A 85 -8.72 15.67 -12.02
CA ILE A 85 -9.16 16.12 -10.70
C ILE A 85 -8.23 17.20 -10.23
N SER A 86 -8.72 18.01 -9.29
CA SER A 86 -7.90 18.83 -8.43
C SER A 86 -7.94 18.19 -7.05
N PHE A 87 -6.79 18.18 -6.37
CA PHE A 87 -6.79 17.75 -4.99
C PHE A 87 -7.55 18.70 -4.08
N ASP A 88 -7.91 19.89 -4.56
CA ASP A 88 -8.78 20.81 -3.82
C ASP A 88 -10.26 20.56 -4.09
N ASP A 89 -10.60 19.71 -5.04
CA ASP A 89 -11.98 19.37 -5.30
C ASP A 89 -12.58 18.60 -4.12
N THR A 90 -13.89 18.58 -4.08
CA THR A 90 -14.60 17.77 -3.10
C THR A 90 -15.35 16.66 -3.84
N PRO A 91 -15.75 15.59 -3.15
CA PRO A 91 -16.23 14.40 -3.87
C PRO A 91 -17.46 14.62 -4.71
N GLY A 92 -18.34 15.54 -4.31
CA GLY A 92 -19.59 15.78 -5.01
C GLY A 92 -19.43 16.32 -6.42
N LYS A 93 -18.25 16.85 -6.74
CA LYS A 93 -18.00 17.28 -8.11
C LYS A 93 -18.01 16.09 -9.07
N TYR A 94 -17.63 14.91 -8.58
CA TYR A 94 -17.51 13.72 -9.40
C TYR A 94 -18.57 12.68 -9.07
N TRP A 95 -18.87 12.48 -7.79
CA TRP A 95 -19.90 11.56 -7.33
C TRP A 95 -21.08 12.46 -6.97
N LYS A 96 -21.98 12.65 -7.94
CA LYS A 96 -22.96 13.72 -7.83
C LYS A 96 -23.95 13.47 -6.70
N GLU A 97 -24.18 12.21 -6.33
CA GLU A 97 -25.06 11.96 -5.18
C GLU A 97 -24.43 12.31 -3.83
N LEU A 98 -23.23 12.88 -3.80
CA LEU A 98 -22.69 13.46 -2.58
C LEU A 98 -22.72 14.98 -2.57
N LYS A 99 -23.16 15.63 -3.64
N LYS A 99 -23.17 15.63 -3.64
CA LYS A 99 -23.35 17.07 -3.61
CA LYS A 99 -23.35 17.07 -3.61
C LYS A 99 -24.34 17.41 -2.51
C LYS A 99 -24.36 17.43 -2.53
N ASN A 100 -24.10 18.53 -1.83
CA ASN A 100 -24.99 19.08 -0.80
C ASN A 100 -25.05 18.20 0.44
N THR A 101 -24.04 17.39 0.65
CA THR A 101 -23.90 16.64 1.88
C THR A 101 -22.69 17.16 2.65
N PRO A 102 -22.67 16.93 3.96
CA PRO A 102 -21.53 17.40 4.76
C PRO A 102 -20.18 16.88 4.29
N ILE A 103 -20.09 15.64 3.80
CA ILE A 103 -18.79 15.14 3.37
C ILE A 103 -18.29 15.88 2.14
N ASP A 104 -19.16 16.61 1.45
CA ASP A 104 -18.74 17.42 0.32
C ASP A 104 -17.97 18.66 0.74
N GLN A 105 -17.73 18.84 2.05
CA GLN A 105 -16.81 19.86 2.55
C GLN A 105 -15.38 19.36 2.67
N VAL A 106 -15.15 18.05 2.50
CA VAL A 106 -13.82 17.47 2.62
C VAL A 106 -13.21 17.42 1.23
N ASN A 107 -11.94 17.79 1.09
CA ASN A 107 -11.33 17.75 -0.24
C ASN A 107 -10.62 16.42 -0.49
N LEU A 108 -10.25 16.21 -1.75
CA LEU A 108 -9.74 14.89 -2.14
C LEU A 108 -8.41 14.58 -1.48
N LEU A 109 -7.55 15.59 -1.28
CA LEU A 109 -6.29 15.36 -0.60
C LEU A 109 -6.53 14.96 0.85
N GLN A 110 -7.49 15.59 1.50
CA GLN A 110 -7.83 15.25 2.87
C GLN A 110 -8.38 13.83 2.96
N LEU A 111 -9.17 13.40 1.96
CA LEU A 111 -9.60 12.00 1.97
C LEU A 111 -8.42 11.07 1.76
N ALA A 112 -7.52 11.39 0.81
CA ALA A 112 -6.40 10.52 0.50
C ALA A 112 -5.39 10.42 1.63
N THR A 113 -5.35 11.42 2.50
CA THR A 113 -4.38 11.45 3.58
C THR A 113 -5.05 11.40 4.95
N TYR A 114 -6.30 10.94 5.01
CA TYR A 114 -6.93 10.51 6.27
C TYR A 114 -7.29 11.64 7.22
N THR A 115 -7.62 12.84 6.73
CA THR A 115 -7.83 13.98 7.61
C THR A 115 -9.24 14.56 7.58
N SER A 116 -10.24 13.76 7.18
CA SER A 116 -11.62 14.27 7.17
C SER A 116 -12.11 14.67 8.54
N GLY A 117 -11.56 14.10 9.61
CA GLY A 117 -11.99 14.40 10.97
C GLY A 117 -13.09 13.52 11.50
N ASN A 118 -13.62 12.59 10.70
CA ASN A 118 -14.59 11.64 11.23
C ASN A 118 -14.68 10.36 10.39
N LEU A 119 -13.55 9.72 10.12
CA LEU A 119 -13.55 8.44 9.42
C LEU A 119 -12.58 7.52 10.15
N ALA A 120 -13.09 6.40 10.61
CA ALA A 120 -12.32 5.45 11.40
C ALA A 120 -11.64 4.43 10.50
N LEU A 121 -10.95 3.47 11.12
CA LEU A 121 -10.18 2.48 10.37
C LEU A 121 -11.05 1.73 9.37
N GLN A 122 -12.22 1.25 9.80
CA GLN A 122 -13.07 0.43 8.97
C GLN A 122 -14.47 1.03 8.91
N PHE A 123 -15.21 0.70 7.84
CA PHE A 123 -16.64 0.96 7.84
C PHE A 123 -17.30 0.21 9.01
N PRO A 124 -18.50 0.65 9.42
CA PRO A 124 -19.29 -0.19 10.32
C PRO A 124 -19.51 -1.56 9.70
N ASP A 125 -19.66 -2.57 10.57
CA ASP A 125 -19.76 -3.94 10.09
C ASP A 125 -20.92 -4.15 9.14
N GLU A 126 -22.01 -3.39 9.30
CA GLU A 126 -23.18 -3.54 8.46
C GLU A 126 -22.99 -3.02 7.04
N VAL A 127 -21.97 -2.19 6.80
CA VAL A 127 -21.75 -1.65 5.46
C VAL A 127 -21.06 -2.74 4.63
N LYS A 128 -21.87 -3.50 3.88
CA LYS A 128 -21.35 -4.62 3.11
C LYS A 128 -21.40 -4.41 1.60
N THR A 129 -22.27 -3.52 1.11
CA THR A 129 -22.44 -3.31 -0.31
C THR A 129 -22.11 -1.87 -0.67
N ASP A 130 -21.86 -1.64 -1.96
CA ASP A 130 -21.56 -0.28 -2.41
C ASP A 130 -22.74 0.67 -2.19
N GLN A 131 -23.98 0.17 -2.26
CA GLN A 131 -25.11 1.04 -1.99
C GLN A 131 -25.14 1.48 -0.52
N GLN A 132 -24.78 0.57 0.38
CA GLN A 132 -24.65 0.94 1.78
C GLN A 132 -23.48 1.90 2.00
N VAL A 133 -22.41 1.78 1.21
CA VAL A 133 -21.31 2.74 1.29
C VAL A 133 -21.81 4.14 0.97
N LEU A 134 -22.57 4.28 -0.12
CA LEU A 134 -23.11 5.59 -0.49
C LEU A 134 -24.01 6.15 0.59
N THR A 135 -24.89 5.33 1.15
CA THR A 135 -25.74 5.80 2.24
C THR A 135 -24.91 6.26 3.43
N PHE A 136 -23.85 5.51 3.75
CA PHE A 136 -22.95 5.90 4.84
C PHE A 136 -22.36 7.29 4.59
N PHE A 137 -21.89 7.54 3.37
CA PHE A 137 -21.31 8.86 3.10
C PHE A 137 -22.37 9.96 3.06
N LYS A 138 -23.58 9.68 2.59
CA LYS A 138 -24.66 10.67 2.64
C LYS A 138 -25.01 11.04 4.08
N ASP A 139 -24.98 10.05 4.99
CA ASP A 139 -25.33 10.26 6.39
C ASP A 139 -24.18 10.81 7.22
N TRP A 140 -22.99 10.95 6.66
CA TRP A 140 -21.82 11.37 7.41
C TRP A 140 -21.94 12.81 7.85
N LYS A 141 -21.49 13.08 9.07
CA LYS A 141 -21.43 14.43 9.62
C LYS A 141 -20.03 14.67 10.18
N PRO A 142 -19.56 15.91 10.20
CA PRO A 142 -18.22 16.18 10.70
C PRO A 142 -18.11 15.95 12.20
N LYS A 143 -16.87 15.69 12.63
CA LYS A 143 -16.56 15.63 14.05
C LYS A 143 -15.41 16.59 14.32
N ASN A 144 -14.18 16.18 14.08
CA ASN A 144 -13.08 17.10 14.27
C ASN A 144 -12.99 18.08 13.11
N SER A 145 -12.32 19.20 13.35
CA SER A 145 -12.08 20.16 12.27
C SER A 145 -11.45 19.48 11.07
N ILE A 146 -12.05 19.70 9.91
CA ILE A 146 -11.56 19.06 8.69
C ILE A 146 -10.12 19.45 8.42
N GLY A 147 -9.29 18.46 8.11
CA GLY A 147 -7.89 18.68 7.82
C GLY A 147 -6.95 18.63 9.00
N GLU A 148 -7.47 18.68 10.22
CA GLU A 148 -6.61 18.88 11.38
C GLU A 148 -6.04 17.59 11.96
N TYR A 149 -6.75 16.46 11.85
CA TYR A 149 -6.39 15.21 12.51
C TYR A 149 -6.31 14.08 11.50
N ARG A 150 -5.19 13.37 11.54
CA ARG A 150 -4.99 12.15 10.77
C ARG A 150 -5.54 10.99 11.55
N GLN A 151 -6.48 10.25 10.95
CA GLN A 151 -6.92 8.96 11.51
C GLN A 151 -6.90 7.97 10.36
N TYR A 152 -5.98 7.02 10.43
CA TYR A 152 -5.81 6.07 9.35
C TYR A 152 -7.14 5.37 9.06
N SER A 153 -7.53 5.32 7.78
CA SER A 153 -8.92 5.00 7.46
C SER A 153 -9.08 4.34 6.10
N ASN A 154 -9.66 3.15 6.10
CA ASN A 154 -10.02 2.52 4.83
C ASN A 154 -11.18 3.22 4.13
N PRO A 155 -12.28 3.58 4.80
CA PRO A 155 -13.33 4.37 4.15
C PRO A 155 -12.82 5.62 3.46
N SER A 156 -11.89 6.33 4.11
CA SER A 156 -11.37 7.58 3.54
C SER A 156 -10.74 7.34 2.18
N ILE A 157 -9.85 6.33 2.08
N ILE A 157 -9.86 6.35 2.08
CA ILE A 157 -9.19 5.95 0.83
CA ILE A 157 -9.21 6.09 0.80
C ILE A 157 -10.20 5.41 -0.16
C ILE A 157 -10.14 5.37 -0.17
N GLY A 158 -11.13 4.62 0.31
CA GLY A 158 -12.14 4.09 -0.57
C GLY A 158 -12.92 5.19 -1.28
N LEU A 159 -13.26 6.26 -0.55
CA LEU A 159 -13.96 7.36 -1.20
C LEU A 159 -13.04 8.06 -2.19
N PHE A 160 -11.78 8.29 -1.82
CA PHE A 160 -10.83 8.90 -2.75
C PHE A 160 -10.71 8.06 -4.03
N GLY A 161 -10.57 6.75 -3.88
CA GLY A 161 -10.44 5.89 -5.05
C GLY A 161 -11.68 5.90 -5.92
N LYS A 162 -12.86 5.96 -5.31
CA LYS A 162 -14.10 6.02 -6.09
C LYS A 162 -14.15 7.31 -6.92
N VAL A 163 -13.77 8.42 -6.30
CA VAL A 163 -13.71 9.69 -7.03
C VAL A 163 -12.71 9.63 -8.17
N VAL A 164 -11.51 9.10 -7.91
CA VAL A 164 -10.51 8.97 -8.97
C VAL A 164 -11.06 8.15 -10.14
N ALA A 165 -11.72 7.04 -9.83
CA ALA A 165 -12.31 6.20 -10.87
C ALA A 165 -13.36 6.97 -11.66
N LEU A 166 -14.27 7.67 -10.97
CA LEU A 166 -15.27 8.49 -11.66
C LEU A 166 -14.59 9.50 -12.59
N SER A 167 -13.55 10.17 -12.11
CA SER A 167 -12.85 11.14 -12.95
C SER A 167 -12.20 10.50 -14.18
N MET A 168 -11.91 9.21 -14.13
N MET A 168 -11.89 9.21 -14.11
CA MET A 168 -11.29 8.50 -15.24
CA MET A 168 -11.28 8.46 -15.20
C MET A 168 -12.31 7.75 -16.06
C MET A 168 -12.31 7.78 -16.08
N ASN A 169 -13.60 7.90 -15.77
CA ASN A 169 -14.68 7.30 -16.55
C ASN A 169 -14.55 5.79 -16.66
N LYS A 170 -14.08 5.14 -15.60
CA LYS A 170 -13.89 3.69 -15.57
C LYS A 170 -14.08 3.23 -14.14
N PRO A 171 -14.56 2.02 -13.91
CA PRO A 171 -14.57 1.49 -12.54
C PRO A 171 -13.15 1.34 -12.03
N PHE A 172 -12.99 1.38 -10.69
CA PHE A 172 -11.67 1.37 -10.09
C PHE A 172 -10.84 0.16 -10.53
N ASP A 173 -11.45 -1.04 -10.59
CA ASP A 173 -10.67 -2.22 -11.00
C ASP A 173 -10.05 -2.01 -12.38
N GLN A 174 -10.77 -1.34 -13.27
CA GLN A 174 -10.24 -1.08 -14.59
CA GLN A 174 -10.27 -1.06 -14.60
C GLN A 174 -9.23 0.06 -14.61
N VAL A 175 -9.37 1.05 -13.73
CA VAL A 175 -8.32 2.06 -13.58
C VAL A 175 -6.97 1.37 -13.35
N LEU A 176 -6.93 0.43 -12.40
CA LEU A 176 -5.66 -0.25 -12.12
C LEU A 176 -5.31 -1.24 -13.22
N GLU A 177 -6.25 -2.10 -13.63
CA GLU A 177 -5.89 -3.19 -14.53
C GLU A 177 -5.67 -2.74 -15.96
N LYS A 178 -6.35 -1.67 -16.41
CA LYS A 178 -6.23 -1.22 -17.79
C LYS A 178 -5.32 -0.03 -17.95
N THR A 179 -5.16 0.82 -16.94
CA THR A 179 -4.32 2.01 -17.06
C THR A 179 -3.05 1.95 -16.21
N ILE A 180 -3.17 1.78 -14.89
CA ILE A 180 -2.01 1.98 -14.04
C ILE A 180 -1.04 0.81 -14.11
N PHE A 181 -1.52 -0.43 -13.92
CA PHE A 181 -0.61 -1.59 -13.96
C PHE A 181 0.09 -1.69 -15.31
N PRO A 182 -0.58 -1.53 -16.45
CA PRO A 182 0.15 -1.56 -17.72
C PRO A 182 1.19 -0.47 -17.85
N ALA A 183 0.89 0.75 -17.41
CA ALA A 183 1.88 1.83 -17.49
C ALA A 183 3.11 1.53 -16.67
N LEU A 184 2.95 0.81 -15.55
CA LEU A 184 4.05 0.39 -14.71
C LEU A 184 4.73 -0.89 -15.20
N GLY A 185 4.22 -1.51 -16.26
CA GLY A 185 4.80 -2.75 -16.72
C GLY A 185 4.54 -3.95 -15.81
N LEU A 186 3.49 -3.89 -15.00
CA LEU A 186 3.17 -4.97 -14.06
C LEU A 186 2.21 -5.93 -14.74
N LYS A 187 2.64 -7.17 -14.91
CA LYS A 187 1.87 -8.13 -15.71
C LYS A 187 1.15 -9.17 -14.87
N HIS A 188 1.41 -9.22 -13.56
CA HIS A 188 0.74 -10.19 -12.68
C HIS A 188 0.26 -9.52 -11.42
N SER A 189 -0.30 -8.32 -11.55
CA SER A 189 -0.92 -7.61 -10.44
C SER A 189 -2.39 -7.44 -10.78
N TYR A 190 -3.26 -7.57 -9.78
CA TYR A 190 -4.68 -7.70 -10.06
C TYR A 190 -5.50 -7.09 -8.94
N VAL A 191 -6.66 -6.56 -9.32
CA VAL A 191 -7.76 -6.37 -8.39
C VAL A 191 -8.62 -7.62 -8.33
N ASN A 192 -8.93 -8.18 -9.48
CA ASN A 192 -9.71 -9.41 -9.59
C ASN A 192 -8.79 -10.43 -10.26
N VAL A 193 -8.37 -11.44 -9.51
CA VAL A 193 -7.46 -12.43 -10.11
C VAL A 193 -8.22 -13.28 -11.12
N PRO A 194 -7.74 -13.41 -12.36
CA PRO A 194 -8.50 -14.13 -13.39
C PRO A 194 -8.34 -15.64 -13.26
N LYS A 195 -9.24 -16.35 -13.96
CA LYS A 195 -9.28 -17.81 -13.89
C LYS A 195 -7.94 -18.43 -14.26
N THR A 196 -7.26 -17.85 -15.26
CA THR A 196 -5.97 -18.37 -15.71
C THR A 196 -4.86 -18.20 -14.67
N GLN A 197 -5.09 -17.47 -13.60
CA GLN A 197 -4.10 -17.27 -12.55
C GLN A 197 -4.47 -17.92 -11.23
N MET A 198 -5.61 -18.59 -11.15
CA MET A 198 -6.05 -19.06 -9.84
C MET A 198 -5.09 -20.10 -9.25
N GLN A 199 -4.38 -20.85 -10.08
CA GLN A 199 -3.40 -21.82 -9.59
C GLN A 199 -2.22 -21.13 -8.91
N ASN A 200 -2.06 -19.83 -9.13
CA ASN A 200 -0.99 -19.07 -8.49
C ASN A 200 -1.46 -18.29 -7.29
N TYR A 201 -2.76 -18.32 -6.97
CA TYR A 201 -3.34 -17.50 -5.90
C TYR A 201 -4.03 -18.43 -4.93
N ASP A 202 -3.34 -18.78 -3.86
CA ASP A 202 -3.90 -19.64 -2.83
C ASP A 202 -4.35 -18.82 -1.64
N PHE A 203 -5.10 -19.48 -0.75
CA PHE A 203 -5.42 -18.87 0.53
C PHE A 203 -4.14 -18.55 1.30
N GLY A 204 -4.21 -17.50 2.11
CA GLY A 204 -3.20 -17.29 3.12
C GLY A 204 -3.55 -18.07 4.36
N TYR A 205 -2.82 -17.80 5.44
CA TYR A 205 -2.96 -18.61 6.65
C TYR A 205 -3.13 -17.68 7.83
N ASN A 206 -4.15 -17.94 8.63
CA ASN A 206 -4.44 -17.08 9.77
C ASN A 206 -3.49 -17.40 10.92
N GLN A 207 -3.73 -16.79 12.08
CA GLN A 207 -2.81 -16.96 13.20
C GLN A 207 -2.87 -18.35 13.82
N GLU A 208 -3.84 -19.18 13.41
CA GLU A 208 -3.91 -20.59 13.76
C GLU A 208 -3.51 -21.49 12.60
N ASN A 209 -2.90 -20.93 11.56
CA ASN A 209 -2.45 -21.67 10.37
C ASN A 209 -3.59 -22.32 9.62
N GLN A 210 -4.80 -21.76 9.75
N GLN A 210 -4.79 -21.75 9.75
CA GLN A 210 -5.91 -22.19 8.93
CA GLN A 210 -5.95 -22.16 8.95
C GLN A 210 -6.00 -21.32 7.68
C GLN A 210 -6.04 -21.31 7.69
N PRO A 211 -6.30 -21.92 6.53
CA PRO A 211 -6.39 -21.15 5.29
C PRO A 211 -7.50 -20.11 5.33
N ILE A 212 -7.20 -18.91 4.85
CA ILE A 212 -8.16 -17.80 4.86
C ILE A 212 -7.87 -16.86 3.68
N ARG A 213 -8.93 -16.32 3.08
CA ARG A 213 -8.84 -15.39 1.97
C ARG A 213 -9.48 -14.07 2.38
N VAL A 214 -8.97 -12.96 1.83
CA VAL A 214 -9.48 -11.63 2.18
C VAL A 214 -10.96 -11.52 1.82
N ASN A 215 -11.73 -10.92 2.72
CA ASN A 215 -13.14 -10.63 2.45
C ASN A 215 -13.23 -9.61 1.32
N PRO A 216 -14.00 -9.88 0.26
CA PRO A 216 -14.14 -8.86 -0.79
C PRO A 216 -14.56 -7.48 -0.27
N GLY A 217 -15.46 -7.43 0.72
CA GLY A 217 -16.01 -6.20 1.22
C GLY A 217 -16.80 -5.50 0.13
N PRO A 218 -17.32 -4.31 0.40
CA PRO A 218 -17.93 -3.55 -0.69
C PRO A 218 -16.87 -3.26 -1.75
N LEU A 219 -17.30 -3.20 -3.00
CA LEU A 219 -16.33 -3.00 -4.08
C LEU A 219 -15.48 -1.76 -3.87
N ASP A 220 -16.04 -0.70 -3.26
CA ASP A 220 -15.23 0.49 -3.03
C ASP A 220 -14.01 0.23 -2.15
N ALA A 221 -14.04 -0.81 -1.29
CA ALA A 221 -12.92 -1.14 -0.42
C ALA A 221 -11.73 -1.72 -1.17
N LEU A 222 -11.90 -2.09 -2.45
CA LEU A 222 -10.77 -2.59 -3.20
C LEU A 222 -9.67 -1.53 -3.30
N ALA A 223 -10.03 -0.24 -3.27
CA ALA A 223 -9.03 0.82 -3.31
C ALA A 223 -8.24 0.90 -2.01
N ALA A 224 -8.77 0.36 -0.93
CA ALA A 224 -8.10 0.38 0.36
C ALA A 224 -7.25 -0.86 0.59
N TYR A 225 -7.70 -2.03 0.12
CA TYR A 225 -6.99 -3.26 0.48
C TYR A 225 -7.19 -4.39 -0.53
N GLY A 226 -7.55 -4.12 -1.77
CA GLY A 226 -7.95 -5.19 -2.66
C GLY A 226 -6.96 -5.62 -3.73
N VAL A 227 -5.71 -5.20 -3.68
CA VAL A 227 -4.76 -5.56 -4.72
C VAL A 227 -3.98 -6.82 -4.34
N LYS A 228 -3.69 -7.64 -5.34
CA LYS A 228 -2.91 -8.87 -5.21
C LYS A 228 -1.77 -8.79 -6.21
N SER A 229 -0.58 -9.24 -5.84
CA SER A 229 0.57 -9.11 -6.74
C SER A 229 1.62 -10.17 -6.43
N THR A 230 2.66 -10.20 -7.25
CA THR A 230 3.76 -11.15 -7.11
C THR A 230 5.00 -10.41 -6.66
N LEU A 231 6.01 -11.14 -6.22
CA LEU A 231 7.27 -10.49 -5.89
C LEU A 231 7.90 -9.78 -7.07
N PRO A 232 8.03 -10.38 -8.25
CA PRO A 232 8.65 -9.62 -9.35
C PRO A 232 7.90 -8.35 -9.67
N ASP A 233 6.58 -8.35 -9.60
CA ASP A 233 5.84 -7.13 -9.89
C ASP A 233 6.09 -6.07 -8.82
N MET A 234 6.11 -6.48 -7.54
CA MET A 234 6.37 -5.50 -6.49
C MET A 234 7.78 -4.93 -6.59
N LEU A 235 8.75 -5.75 -6.97
CA LEU A 235 10.09 -5.20 -7.22
C LEU A 235 10.10 -4.22 -8.38
N SER A 236 9.35 -4.52 -9.46
CA SER A 236 9.23 -3.58 -10.57
C SER A 236 8.61 -2.28 -10.09
N PHE A 237 7.59 -2.37 -9.22
CA PHE A 237 6.97 -1.16 -8.70
C PHE A 237 7.98 -0.33 -7.89
N ILE A 238 8.79 -0.98 -7.06
CA ILE A 238 9.87 -0.26 -6.37
C ILE A 238 10.82 0.37 -7.36
N HIS A 239 11.19 -0.40 -8.39
CA HIS A 239 12.07 0.13 -9.42
C HIS A 239 11.50 1.41 -10.02
N ALA A 240 10.20 1.42 -10.31
CA ALA A 240 9.57 2.60 -10.89
C ALA A 240 9.66 3.78 -9.93
N ASN A 241 9.52 3.51 -8.64
CA ASN A 241 9.62 4.58 -7.65
C ASN A 241 11.05 5.10 -7.52
N LEU A 242 12.07 4.25 -7.71
CA LEU A 242 13.46 4.66 -7.65
C LEU A 242 13.98 5.26 -8.96
N ASN A 243 13.49 4.80 -10.11
CA ASN A 243 14.09 5.10 -11.41
C ASN A 243 12.96 5.32 -12.41
N PRO A 244 12.21 6.41 -12.24
CA PRO A 244 11.02 6.61 -13.08
C PRO A 244 11.30 7.01 -14.51
N GLN A 245 12.51 7.47 -14.84
CA GLN A 245 12.77 7.99 -16.18
C GLN A 245 12.61 6.94 -17.26
N LYS A 246 12.57 5.66 -16.87
CA LYS A 246 12.38 4.57 -17.82
C LYS A 246 10.92 4.35 -18.21
N TYR A 247 9.99 5.20 -17.77
CA TYR A 247 8.56 4.94 -17.85
C TYR A 247 7.82 6.02 -18.63
N PRO A 248 6.59 5.75 -19.07
CA PRO A 248 5.81 6.79 -19.76
C PRO A 248 5.66 8.05 -18.91
N ALA A 249 5.63 9.21 -19.57
CA ALA A 249 5.65 10.47 -18.83
C ALA A 249 4.48 10.61 -17.88
N ASP A 250 3.27 10.19 -18.30
CA ASP A 250 2.11 10.35 -17.44
C ASP A 250 2.25 9.53 -16.17
N ILE A 251 2.87 8.35 -16.26
CA ILE A 251 3.06 7.54 -15.05
C ILE A 251 4.25 8.04 -14.23
N GLN A 252 5.28 8.62 -14.87
CA GLN A 252 6.32 9.31 -14.10
C GLN A 252 5.70 10.35 -13.19
N ARG A 253 4.78 11.14 -13.73
CA ARG A 253 4.18 12.20 -12.92
C ARG A 253 3.34 11.60 -11.81
N ALA A 254 2.64 10.51 -12.09
CA ALA A 254 1.84 9.85 -11.06
C ALA A 254 2.73 9.37 -9.91
N ILE A 255 3.86 8.75 -10.26
CA ILE A 255 4.79 8.25 -9.23
C ILE A 255 5.35 9.41 -8.42
N ASN A 256 5.78 10.47 -9.10
CA ASN A 256 6.32 11.65 -8.40
C ASN A 256 5.32 12.20 -7.41
N GLU A 257 4.04 12.21 -7.79
CA GLU A 257 3.01 12.78 -6.93
C GLU A 257 2.97 12.05 -5.59
N THR A 258 3.25 10.75 -5.58
CA THR A 258 3.17 9.98 -4.36
C THR A 258 4.37 10.17 -3.43
N HIS A 259 5.38 10.93 -3.85
CA HIS A 259 6.57 11.13 -3.06
C HIS A 259 6.56 12.45 -2.29
N GLN A 260 5.55 13.29 -2.51
N GLN A 260 5.55 13.29 -2.50
CA GLN A 260 5.50 14.61 -1.90
CA GLN A 260 5.52 14.62 -1.91
C GLN A 260 4.85 14.52 -0.53
C GLN A 260 4.84 14.58 -0.55
N GLY A 261 5.56 14.98 0.50
CA GLY A 261 4.96 15.03 1.82
C GLY A 261 3.87 16.08 1.89
N ARG A 262 2.78 15.73 2.56
CA ARG A 262 1.62 16.61 2.65
C ARG A 262 1.42 17.24 4.00
N TYR A 263 1.86 16.59 5.07
CA TYR A 263 1.90 17.16 6.41
C TYR A 263 2.81 16.24 7.21
N GLN A 264 3.08 16.64 8.45
CA GLN A 264 3.94 15.90 9.36
C GLN A 264 3.14 15.46 10.57
N VAL A 265 3.43 14.26 11.08
CA VAL A 265 3.02 13.81 12.42
C VAL A 265 4.26 13.27 13.09
N ASN A 266 4.73 13.96 14.13
CA ASN A 266 5.98 13.60 14.79
C ASN A 266 7.08 13.50 13.74
N THR A 267 7.72 12.34 13.66
CA THR A 267 8.84 12.11 12.77
C THR A 267 8.43 11.53 11.43
N MET A 268 7.14 11.42 11.18
N MET A 268 7.13 11.42 11.14
CA MET A 268 6.62 10.88 9.93
CA MET A 268 6.65 10.81 9.90
C MET A 268 6.08 12.03 9.08
C MET A 268 5.89 11.83 9.07
N TYR A 269 6.22 11.89 7.77
CA TYR A 269 5.54 12.77 6.82
C TYR A 269 4.57 11.89 6.05
N GLN A 270 3.33 12.34 5.91
CA GLN A 270 2.34 11.59 5.16
C GLN A 270 2.39 12.03 3.71
N ALA A 271 2.80 11.14 2.83
CA ALA A 271 2.69 11.37 1.40
C ALA A 271 1.40 10.70 0.92
N LEU A 272 1.18 10.67 -0.40
CA LEU A 272 0.02 9.93 -0.93
C LEU A 272 0.37 8.45 -0.91
N GLY A 273 -0.31 7.69 -0.08
CA GLY A 273 0.01 6.29 0.12
C GLY A 273 1.22 6.05 0.99
N TRP A 274 2.38 6.45 0.50
CA TRP A 274 3.64 6.21 1.21
C TRP A 274 3.71 7.03 2.49
N GLU A 275 4.34 6.44 3.50
CA GLU A 275 4.88 7.19 4.64
C GLU A 275 6.31 7.58 4.31
N GLU A 276 6.69 8.80 4.67
CA GLU A 276 7.95 9.42 4.29
C GLU A 276 8.73 9.81 5.53
N PHE A 277 10.05 9.66 5.48
CA PHE A 277 10.92 9.97 6.61
C PHE A 277 12.17 10.67 6.13
N SER A 278 12.74 11.53 6.97
CA SER A 278 14.08 12.04 6.66
C SER A 278 15.08 10.88 6.68
N TYR A 279 15.95 10.83 5.67
CA TYR A 279 16.95 9.77 5.60
C TYR A 279 18.31 10.36 5.90
N PRO A 280 19.15 9.73 6.76
CA PRO A 280 18.88 8.45 7.42
C PRO A 280 17.84 8.53 8.54
N ALA A 281 17.04 7.48 8.65
CA ALA A 281 16.05 7.33 9.70
C ALA A 281 16.51 6.27 10.68
N THR A 282 16.33 6.53 11.97
CA THR A 282 16.63 5.49 12.94
C THR A 282 15.59 4.40 12.83
N LEU A 283 15.97 3.21 13.29
CA LEU A 283 15.01 2.13 13.35
C LEU A 283 13.81 2.52 14.22
N GLN A 284 14.07 3.25 15.31
CA GLN A 284 12.97 3.62 16.19
C GLN A 284 11.97 4.55 15.51
N THR A 285 12.45 5.50 14.71
CA THR A 285 11.53 6.34 13.93
C THR A 285 10.65 5.47 13.02
N LEU A 286 11.24 4.50 12.33
CA LEU A 286 10.46 3.64 11.45
C LEU A 286 9.47 2.81 12.25
N LEU A 287 9.88 2.29 13.42
CA LEU A 287 8.95 1.53 14.25
C LEU A 287 7.83 2.41 14.76
N ASP A 288 8.14 3.65 15.14
CA ASP A 288 7.13 4.54 15.70
C ASP A 288 6.01 4.81 14.72
N SER A 289 6.30 4.74 13.42
CA SER A 289 5.26 4.98 12.44
C SER A 289 4.17 3.92 12.50
N ASN A 290 4.46 2.75 13.06
CA ASN A 290 3.52 1.63 13.18
C ASN A 290 2.91 1.53 14.58
N SER A 291 3.16 2.51 15.44
CA SER A 291 2.66 2.45 16.81
C SER A 291 1.14 2.47 16.85
N GLU A 292 0.59 1.90 17.92
CA GLU A 292 -0.86 1.96 18.13
C GLU A 292 -1.34 3.40 18.08
N GLN A 293 -0.58 4.33 18.67
CA GLN A 293 -1.01 5.72 18.67
C GLN A 293 -1.21 6.25 17.25
N ILE A 294 -0.25 5.97 16.37
CA ILE A 294 -0.30 6.49 15.00
C ILE A 294 -1.37 5.77 14.19
N VAL A 295 -1.46 4.45 14.34
CA VAL A 295 -2.30 3.64 13.46
C VAL A 295 -3.77 3.71 13.87
N MET A 296 -4.05 3.77 15.19
CA MET A 296 -5.41 3.60 15.66
C MET A 296 -6.08 4.87 16.15
N LYS A 297 -5.32 5.93 16.43
CA LYS A 297 -5.90 7.12 17.06
C LYS A 297 -5.82 8.32 16.12
N PRO A 298 -6.68 9.32 16.32
CA PRO A 298 -6.50 10.60 15.62
C PRO A 298 -5.26 11.29 16.16
N ASN A 299 -4.47 11.86 15.28
CA ASN A 299 -3.29 12.61 15.66
C ASN A 299 -3.29 13.95 14.95
N LYS A 300 -3.03 15.01 15.70
CA LYS A 300 -2.99 16.35 15.13
C LYS A 300 -1.83 16.47 14.16
N VAL A 301 -2.10 17.01 12.99
CA VAL A 301 -1.07 17.14 11.98
C VAL A 301 -0.44 18.52 12.07
N THR A 302 0.77 18.63 11.51
CA THR A 302 1.48 19.89 11.38
C THR A 302 1.82 20.13 9.91
N ALA A 303 1.58 21.35 9.44
CA ALA A 303 1.96 21.70 8.07
C ALA A 303 3.47 21.61 7.95
N ILE A 304 3.95 21.20 6.77
CA ILE A 304 5.38 21.05 6.59
C ILE A 304 6.01 22.42 6.46
N SER A 305 7.10 22.64 7.20
CA SER A 305 7.87 23.85 7.01
C SER A 305 8.76 23.64 5.78
N LYS A 306 9.83 22.89 5.97
CA LYS A 306 10.73 22.51 4.88
C LYS A 306 10.72 20.99 4.81
N GLU A 307 10.38 20.45 3.65
CA GLU A 307 10.41 19.02 3.49
C GLU A 307 11.85 18.54 3.61
N PRO A 308 12.10 17.36 4.20
CA PRO A 308 13.49 16.86 4.27
C PRO A 308 14.11 16.82 2.89
N SER A 309 15.40 17.17 2.83
CA SER A 309 16.10 17.19 1.56
C SER A 309 16.46 15.78 1.06
N VAL A 310 16.62 14.82 1.97
CA VAL A 310 16.91 13.42 1.63
C VAL A 310 15.88 12.56 2.36
N LYS A 311 15.22 11.66 1.62
CA LYS A 311 14.02 11.01 2.13
C LYS A 311 14.11 9.49 1.95
N MET A 312 13.33 8.76 2.74
CA MET A 312 13.03 7.37 2.47
C MET A 312 11.54 7.16 2.68
N TYR A 313 11.02 6.03 2.22
CA TYR A 313 9.59 5.79 2.20
C TYR A 313 9.32 4.33 2.55
N HIS A 314 8.22 4.08 3.24
CA HIS A 314 7.81 2.70 3.46
C HIS A 314 6.30 2.58 3.58
N LYS A 315 5.84 1.32 3.53
CA LYS A 315 4.44 1.02 3.81
C LYS A 315 4.31 -0.44 4.21
N THR A 316 3.56 -0.69 5.28
CA THR A 316 3.17 -2.03 5.70
C THR A 316 1.75 -2.34 5.19
N GLY A 317 1.45 -3.60 5.08
CA GLY A 317 0.07 -3.98 4.82
C GLY A 317 -0.16 -5.40 5.22
N SER A 318 -1.40 -5.72 5.59
CA SER A 318 -1.75 -7.07 5.97
C SER A 318 -3.19 -7.34 5.58
N THR A 319 -3.50 -8.61 5.37
CA THR A 319 -4.86 -9.11 5.44
C THR A 319 -4.87 -10.21 6.50
N ASN A 320 -6.00 -10.89 6.67
CA ASN A 320 -6.04 -11.91 7.71
C ASN A 320 -5.03 -13.02 7.47
N GLY A 321 -4.64 -13.25 6.20
CA GLY A 321 -3.74 -14.36 5.89
C GLY A 321 -2.43 -13.98 5.23
N PHE A 322 -2.11 -12.69 5.10
CA PHE A 322 -0.93 -12.25 4.36
C PHE A 322 -0.30 -11.03 5.02
N GLY A 323 1.02 -10.91 4.85
CA GLY A 323 1.72 -9.71 5.27
C GLY A 323 2.60 -9.18 4.15
N THR A 324 2.76 -7.87 4.14
CA THR A 324 3.55 -7.16 3.13
C THR A 324 4.34 -6.03 3.80
N TYR A 325 5.53 -5.78 3.28
CA TYR A 325 6.26 -4.58 3.67
C TYR A 325 7.07 -4.14 2.46
N VAL A 326 7.05 -2.84 2.17
N VAL A 326 7.09 -2.83 2.21
CA VAL A 326 7.84 -2.29 1.07
CA VAL A 326 7.78 -2.25 1.07
C VAL A 326 8.54 -1.03 1.55
C VAL A 326 8.52 -1.01 1.55
N VAL A 327 9.78 -0.85 1.12
CA VAL A 327 10.59 0.30 1.55
C VAL A 327 11.58 0.66 0.43
N PHE A 328 11.85 1.94 0.25
CA PHE A 328 12.89 2.33 -0.70
C PHE A 328 13.57 3.61 -0.27
N ILE A 329 14.79 3.78 -0.75
CA ILE A 329 15.69 4.87 -0.35
C ILE A 329 16.31 5.41 -1.61
N PRO A 330 15.77 6.48 -2.18
CA PRO A 330 16.33 7.04 -3.43
C PRO A 330 17.83 7.27 -3.42
N LYS A 331 18.35 7.91 -2.38
CA LYS A 331 19.77 8.30 -2.41
C LYS A 331 20.68 7.10 -2.48
N GLU A 332 20.26 5.97 -1.94
CA GLU A 332 21.04 4.74 -1.97
C GLU A 332 20.70 3.89 -3.17
N ASN A 333 19.64 4.24 -3.90
CA ASN A 333 19.18 3.47 -5.05
C ASN A 333 18.89 2.03 -4.67
N ILE A 334 18.22 1.85 -3.53
CA ILE A 334 17.93 0.51 -3.00
C ILE A 334 16.50 0.47 -2.53
N GLY A 335 15.92 -0.73 -2.53
CA GLY A 335 14.63 -0.96 -1.93
C GLY A 335 14.44 -2.44 -1.64
N LEU A 336 13.37 -2.73 -0.92
CA LEU A 336 13.10 -4.08 -0.46
C LEU A 336 11.60 -4.31 -0.39
N VAL A 337 11.19 -5.54 -0.73
CA VAL A 337 9.83 -5.99 -0.59
C VAL A 337 9.84 -7.31 0.17
N MET A 338 8.95 -7.45 1.15
CA MET A 338 8.68 -8.72 1.82
C MET A 338 7.21 -9.07 1.66
N LEU A 339 6.93 -10.32 1.21
CA LEU A 339 5.57 -10.84 1.09
C LEU A 339 5.52 -12.16 1.84
N THR A 340 4.48 -12.36 2.65
CA THR A 340 4.28 -13.61 3.38
C THR A 340 2.83 -14.03 3.26
N ASN A 341 2.59 -15.34 3.34
CA ASN A 341 1.24 -15.87 3.40
C ASN A 341 0.82 -16.24 4.82
N LYS A 342 1.34 -15.51 5.79
CA LYS A 342 0.84 -15.46 7.15
C LYS A 342 1.31 -14.12 7.69
N ARG A 343 0.45 -13.44 8.45
N ARG A 343 0.45 -13.44 8.45
CA ARG A 343 0.87 -12.19 9.06
CA ARG A 343 0.88 -12.20 9.06
C ARG A 343 1.93 -12.43 10.12
C ARG A 343 1.95 -12.46 10.10
N ILE A 344 2.92 -11.55 10.16
CA ILE A 344 3.85 -11.50 11.28
C ILE A 344 3.88 -10.06 11.77
N PRO A 345 4.31 -9.82 13.00
CA PRO A 345 4.25 -8.45 13.53
C PRO A 345 4.96 -7.45 12.62
N ASN A 346 4.33 -6.28 12.44
CA ASN A 346 4.94 -5.25 11.59
C ASN A 346 6.34 -4.88 12.06
N GLU A 347 6.57 -4.89 13.37
CA GLU A 347 7.88 -4.52 13.87
C GLU A 347 8.95 -5.48 13.37
N GLU A 348 8.61 -6.77 13.20
CA GLU A 348 9.59 -7.73 12.70
C GLU A 348 9.94 -7.47 11.25
N ARG A 349 8.94 -7.08 10.46
CA ARG A 349 9.18 -6.72 9.06
C ARG A 349 10.11 -5.52 8.97
N ILE A 350 9.80 -4.49 9.75
CA ILE A 350 10.57 -3.24 9.70
C ILE A 350 11.99 -3.48 10.16
N LYS A 351 12.17 -4.22 11.26
N LYS A 351 12.17 -4.21 11.26
CA LYS A 351 13.50 -4.48 11.81
CA LYS A 351 13.50 -4.48 11.80
C LYS A 351 14.34 -5.31 10.84
C LYS A 351 14.34 -5.29 10.83
N ALA A 352 13.76 -6.36 10.26
CA ALA A 352 14.53 -7.20 9.35
C ALA A 352 14.94 -6.42 8.11
N ALA A 353 14.04 -5.59 7.57
CA ALA A 353 14.37 -4.80 6.39
C ALA A 353 15.45 -3.77 6.71
N TYR A 354 15.38 -3.18 7.92
CA TYR A 354 16.39 -2.21 8.33
C TYR A 354 17.77 -2.86 8.39
N ALA A 355 17.84 -4.06 8.97
CA ALA A 355 19.11 -4.75 9.05
C ALA A 355 19.70 -5.01 7.67
N VAL A 356 18.87 -5.42 6.71
CA VAL A 356 19.37 -5.69 5.36
C VAL A 356 19.84 -4.41 4.70
N LEU A 357 18.96 -3.40 4.62
CA LEU A 357 19.30 -2.22 3.84
C LEU A 357 20.45 -1.43 4.46
N ASN A 358 20.52 -1.39 5.79
CA ASN A 358 21.59 -0.61 6.41
C ASN A 358 22.95 -1.23 6.23
N ALA A 359 23.00 -2.54 5.96
CA ALA A 359 24.26 -3.20 5.73
C ALA A 359 24.73 -3.09 4.28
N ILE A 360 23.83 -2.80 3.34
CA ILE A 360 24.20 -2.70 1.92
C ILE A 360 24.38 -1.27 1.45
N LYS A 361 24.31 -0.29 2.35
CA LYS A 361 24.59 1.11 2.00
C LYS A 361 25.94 1.24 1.29
N GLY B . 12.83 10.06 -8.65
CA GLY B . 11.96 11.17 -9.02
C GLY B . 10.63 11.21 -8.28
O GLY B . 10.53 11.77 -7.18
OXT GLY B . 9.63 10.64 -8.75
P PO4 C . -1.74 -1.21 7.86
O1 PO4 C . -1.85 -0.90 9.34
O2 PO4 C . -3.08 -1.69 7.36
O3 PO4 C . -0.67 -2.27 7.65
O4 PO4 C . -1.38 0.05 7.11
#